data_6E0D
#
_entry.id   6E0D
#
_cell.length_a   58.654
_cell.length_b   58.654
_cell.length_c   151.586
_cell.angle_alpha   90.00
_cell.angle_beta   90.00
_cell.angle_gamma   90.00
#
_symmetry.space_group_name_H-M   'P 41 21 2'
#
loop_
_entity.id
_entity.type
_entity.pdbx_description
1 polymer 'Thaumatin I'
2 non-polymer 'L(+)-TARTARIC ACID'
3 non-polymer '(1R,2R,3S,4R,6S)-4,6-diamino-2,3-dihydroxycyclohexyl 2,6-diamino-2,6-dideoxy-alpha-D-glucopyranoside'
4 water water
#
_entity_poly.entity_id   1
_entity_poly.type   'polypeptide(L)'
_entity_poly.pdbx_seq_one_letter_code
;MAATTCFFFLFPFLLLLTLSRAATFEIVNRCSYTVWAAASKGDAALDAGGRQLNSGESWTINVEPGTKGGKIWARTDCYF
DDSGSGICKTGDCGGLLRCKRFGRPPTTLAEFSLNQYGKDYIDISNIKGFNVPMDFSPTTRGCRGVRCAADIVGQCPAKL
KAPGGGCNDACTVFQTSEYCCTTGKCGPTEYSRFFKRLCPDAFSYVLDKPTTVTCPGSSNYRVTFCPTALELEDE
;
_entity_poly.pdbx_strand_id   A
#
loop_
_chem_comp.id
_chem_comp.type
_chem_comp.name
_chem_comp.formula
TLA non-polymer 'L(+)-TARTARIC ACID' 'C4 H6 O6'
XXX D-saccharide '(1R,2R,3S,4R,6S)-4,6-diamino-2,3-dihydroxycyclohexyl 2,6-diamino-2,6-dideoxy-alpha-D-glucopyranoside' 'C12 H26 N4 O6'
#
# COMPACT_ATOMS: atom_id res chain seq x y z
N ALA A 23 -6.75 -16.57 -6.20
CA ALA A 23 -6.78 -15.37 -7.07
C ALA A 23 -5.36 -15.01 -7.54
N THR A 24 -5.27 -14.46 -8.73
CA THR A 24 -4.00 -14.05 -9.30
C THR A 24 -3.85 -12.55 -9.19
N PHE A 25 -2.67 -12.12 -8.74
CA PHE A 25 -2.30 -10.72 -8.76
C PHE A 25 -1.06 -10.58 -9.62
N GLU A 26 -1.12 -9.75 -10.64
CA GLU A 26 0.09 -9.38 -11.37
C GLU A 26 0.57 -8.03 -10.84
N ILE A 27 1.83 -7.99 -10.42
CA ILE A 27 2.42 -6.79 -9.81
C ILE A 27 3.49 -6.28 -10.78
N VAL A 28 3.29 -5.08 -11.29
CA VAL A 28 4.08 -4.50 -12.34
C VAL A 28 4.76 -3.22 -11.85
N ASN A 29 6.07 -3.16 -11.99
CA ASN A 29 6.85 -1.96 -11.68
C ASN A 29 7.06 -1.13 -12.97
N ARG A 30 6.28 -0.07 -13.12
CA ARG A 30 6.46 0.83 -14.23
C ARG A 30 7.35 2.03 -13.81
N CYS A 31 7.86 2.03 -12.58
CA CYS A 31 8.73 3.11 -12.14
C CYS A 31 10.07 2.99 -12.90
N SER A 32 10.78 4.11 -12.98
CA SER A 32 12.10 4.14 -13.61
C SER A 32 13.17 3.60 -12.68
N TYR A 33 12.82 3.37 -11.41
CA TYR A 33 13.73 2.85 -10.41
C TYR A 33 13.23 1.49 -9.91
N THR A 34 14.14 0.72 -9.36
CA THR A 34 13.84 -0.60 -8.82
C THR A 34 13.05 -0.48 -7.57
N VAL A 35 12.06 -1.33 -7.42
CA VAL A 35 11.37 -1.44 -6.15
C VAL A 35 11.44 -2.87 -5.71
N TRP A 36 11.16 -3.08 -4.43
CA TRP A 36 11.08 -4.42 -3.94
C TRP A 36 9.66 -4.60 -3.44
N ALA A 37 8.86 -5.36 -4.21
CA ALA A 37 7.45 -5.57 -3.89
C ALA A 37 7.34 -6.47 -2.65
N ALA A 38 6.23 -6.32 -1.94
CA ALA A 38 5.95 -7.09 -0.75
C ALA A 38 4.47 -7.42 -0.72
N ALA A 39 4.14 -8.57 -0.15
CA ALA A 39 2.75 -9.01 -0.03
C ALA A 39 2.60 -9.88 1.22
N SER A 40 1.66 -9.55 2.07
CA SER A 40 1.56 -10.10 3.41
C SER A 40 0.12 -9.93 3.85
N LYS A 41 -0.33 -10.80 4.73
CA LYS A 41 -1.61 -10.56 5.44
C LYS A 41 -1.31 -10.29 6.92
N GLY A 42 -0.08 -9.86 7.25
CA GLY A 42 0.19 -9.37 8.61
C GLY A 42 0.86 -10.36 9.53
N ASP A 43 0.39 -11.61 9.51
CA ASP A 43 0.98 -12.70 10.30
C ASP A 43 1.58 -13.75 9.38
N ALA A 44 1.63 -13.47 8.09
CA ALA A 44 2.18 -14.42 7.13
C ALA A 44 2.40 -13.77 5.77
N ALA A 45 3.40 -14.29 5.04
CA ALA A 45 3.61 -13.92 3.63
C ALA A 45 2.43 -14.32 2.78
N LEU A 46 2.21 -13.59 1.71
CA LEU A 46 1.38 -14.07 0.62
C LEU A 46 2.30 -14.54 -0.49
N ASP A 47 2.10 -15.77 -0.98
CA ASP A 47 3.00 -16.35 -1.96
C ASP A 47 4.42 -16.23 -1.37
N ALA A 48 5.43 -15.91 -2.18
CA ALA A 48 6.79 -15.74 -1.67
C ALA A 48 7.00 -14.53 -0.72
N GLY A 49 6.08 -13.57 -0.72
CA GLY A 49 6.12 -12.47 0.25
C GLY A 49 6.90 -11.23 -0.20
N GLY A 50 7.82 -11.38 -1.14
CA GLY A 50 8.58 -10.25 -1.61
C GLY A 50 9.54 -10.60 -2.70
N ARG A 51 9.88 -9.62 -3.54
CA ARG A 51 10.77 -9.83 -4.67
C ARG A 51 11.24 -8.50 -5.21
N GLN A 52 12.45 -8.50 -5.74
CA GLN A 52 12.97 -7.37 -6.50
C GLN A 52 12.26 -7.24 -7.84
N LEU A 53 11.84 -6.02 -8.17
CA LEU A 53 11.30 -5.71 -9.47
C LEU A 53 12.08 -4.53 -10.04
N ASN A 54 12.91 -4.83 -11.05
CA ASN A 54 13.52 -3.77 -11.85
C ASN A 54 12.45 -3.08 -12.68
N SER A 55 12.80 -1.93 -13.24
CA SER A 55 11.93 -1.15 -14.10
C SER A 55 11.38 -2.00 -15.25
N GLY A 56 10.06 -2.14 -15.28
CA GLY A 56 9.38 -2.93 -16.28
C GLY A 56 9.05 -4.37 -15.93
N GLU A 57 9.63 -4.89 -14.85
CA GLU A 57 9.40 -6.28 -14.51
C GLU A 57 8.00 -6.48 -13.89
N SER A 58 7.48 -7.69 -14.07
CA SER A 58 6.16 -8.12 -13.58
C SER A 58 6.34 -9.38 -12.73
N TRP A 59 5.58 -9.47 -11.66
CA TRP A 59 5.65 -10.62 -10.77
C TRP A 59 4.22 -11.08 -10.58
N THR A 60 3.97 -12.35 -10.82
CA THR A 60 2.64 -12.87 -10.71
C THR A 60 2.57 -13.74 -9.47
N ILE A 61 1.66 -13.40 -8.56
CA ILE A 61 1.47 -14.20 -7.38
C ILE A 61 0.07 -14.78 -7.30
N ASN A 62 -0.02 -15.82 -6.51
CA ASN A 62 -1.25 -16.47 -6.20
C ASN A 62 -1.62 -16.26 -4.77
N VAL A 63 -2.84 -15.80 -4.54
CA VAL A 63 -3.37 -15.54 -3.23
C VAL A 63 -4.56 -16.47 -3.00
N GLU A 64 -4.54 -17.18 -1.90
CA GLU A 64 -5.58 -18.12 -1.56
C GLU A 64 -6.95 -17.43 -1.44
N PRO A 65 -7.99 -18.03 -2.02
CA PRO A 65 -9.34 -17.50 -1.80
C PRO A 65 -9.66 -17.42 -0.30
N GLY A 66 -10.48 -16.45 0.07
CA GLY A 66 -10.79 -16.23 1.46
C GLY A 66 -9.72 -15.43 2.19
N THR A 67 -8.66 -14.98 1.54
CA THR A 67 -7.70 -14.17 2.27
C THR A 67 -8.33 -12.84 2.71
N LYS A 68 -8.23 -12.57 4.02
CA LYS A 68 -8.83 -11.38 4.64
C LYS A 68 -7.67 -10.46 5.10
N GLY A 69 -7.73 -9.17 4.80
CA GLY A 69 -6.67 -8.24 5.28
C GLY A 69 -5.30 -8.39 4.61
N GLY A 70 -5.27 -8.69 3.31
CA GLY A 70 -4.02 -8.76 2.59
C GLY A 70 -3.59 -7.37 2.14
N LYS A 71 -2.28 -7.16 2.02
CA LYS A 71 -1.77 -5.89 1.55
C LYS A 71 -0.60 -6.12 0.64
N ILE A 72 -0.51 -5.25 -0.36
CA ILE A 72 0.64 -5.22 -1.26
C ILE A 72 1.17 -3.80 -1.26
N TRP A 73 2.50 -3.71 -1.19
CA TRP A 73 3.19 -2.42 -1.23
C TRP A 73 4.57 -2.54 -1.88
N ALA A 74 5.15 -1.38 -2.20
CA ALA A 74 6.52 -1.28 -2.68
C ALA A 74 7.46 -0.82 -1.57
N ARG A 75 8.71 -1.25 -1.68
CA ARG A 75 9.80 -0.78 -0.83
C ARG A 75 10.88 -0.16 -1.71
N THR A 76 11.51 0.90 -1.22
CA THR A 76 12.53 1.63 -1.97
C THR A 76 13.87 1.55 -1.26
N ASP A 77 14.95 1.61 -2.04
CA ASP A 77 16.32 1.66 -1.52
C ASP A 77 16.62 0.57 -0.51
N CYS A 78 16.54 -0.65 -0.97
CA CYS A 78 16.80 -1.83 -0.16
C CYS A 78 18.20 -2.39 -0.44
N TYR A 79 18.75 -3.10 0.53
CA TYR A 79 20.01 -3.82 0.40
C TYR A 79 19.76 -5.12 1.12
N PHE A 80 19.91 -6.21 0.41
CA PHE A 80 19.80 -7.53 0.98
C PHE A 80 21.08 -8.33 0.74
N ASP A 81 21.45 -9.15 1.71
CA ASP A 81 22.55 -10.07 1.50
C ASP A 81 22.02 -11.35 0.86
N ASP A 82 22.89 -12.36 0.70
CA ASP A 82 22.53 -13.63 0.07
C ASP A 82 21.48 -14.42 0.81
N SER A 83 21.40 -14.26 2.13
CA SER A 83 20.33 -14.89 2.90
C SER A 83 18.96 -14.14 2.87
N GLY A 84 18.81 -13.08 2.07
CA GLY A 84 17.51 -12.37 2.01
C GLY A 84 17.22 -11.49 3.23
N SER A 85 18.29 -11.04 3.86
CA SER A 85 18.20 -10.25 5.06
C SER A 85 18.94 -8.90 4.85
N GLY A 86 18.36 -7.79 5.33
CA GLY A 86 18.95 -6.47 5.09
C GLY A 86 18.06 -5.31 5.53
N ILE A 87 17.93 -4.27 4.69
CA ILE A 87 17.17 -3.08 5.07
C ILE A 87 16.66 -2.25 3.87
N CYS A 88 15.54 -1.58 4.05
CA CYS A 88 14.95 -0.71 3.01
C CYS A 88 14.62 0.60 3.66
N LYS A 89 14.62 1.68 2.88
CA LYS A 89 14.34 3.03 3.42
C LYS A 89 12.86 3.33 3.55
N THR A 90 12.02 2.69 2.73
CA THR A 90 10.57 2.73 2.96
C THR A 90 10.04 1.31 2.92
N GLY A 91 9.05 1.02 3.77
CA GLY A 91 8.31 -0.22 3.70
C GLY A 91 8.96 -1.47 4.26
N ASP A 92 10.08 -1.31 4.95
CA ASP A 92 10.85 -2.43 5.49
C ASP A 92 9.99 -3.32 6.43
N CYS A 93 10.08 -4.64 6.28
CA CYS A 93 9.26 -5.58 7.06
C CYS A 93 10.24 -6.39 7.91
N GLY A 94 10.73 -5.78 8.98
CA GLY A 94 11.74 -6.42 9.84
C GLY A 94 12.98 -6.96 9.14
N GLY A 95 13.47 -6.27 8.13
CA GLY A 95 14.75 -6.60 7.52
C GLY A 95 14.73 -7.77 6.52
N LEU A 96 13.56 -8.27 6.16
CA LEU A 96 13.48 -9.45 5.28
C LEU A 96 13.11 -9.11 3.85
N LEU A 97 13.67 -9.86 2.91
CA LEU A 97 13.27 -9.77 1.51
C LEU A 97 11.84 -10.29 1.36
N ARG A 98 11.57 -11.45 1.95
CA ARG A 98 10.25 -12.05 1.92
C ARG A 98 9.48 -11.65 3.14
N CYS A 99 8.58 -10.70 2.98
CA CYS A 99 7.84 -10.18 4.12
C CYS A 99 6.84 -11.19 4.71
N LYS A 100 6.87 -11.32 6.04
CA LYS A 100 5.88 -12.07 6.80
C LYS A 100 4.94 -11.11 7.46
N ARG A 101 5.40 -9.90 7.71
CA ARG A 101 4.56 -8.95 8.36
C ARG A 101 4.50 -7.67 7.55
N PHE A 102 3.74 -6.69 8.05
CA PHE A 102 3.55 -5.45 7.33
C PHE A 102 4.76 -4.56 7.47
N GLY A 103 4.84 -3.59 6.57
CA GLY A 103 6.01 -2.77 6.43
C GLY A 103 5.94 -1.44 7.15
N ARG A 104 7.10 -0.91 7.42
CA ARG A 104 7.23 0.34 8.13
C ARG A 104 6.85 1.52 7.20
N PRO A 105 5.94 2.42 7.64
CA PRO A 105 5.58 3.62 6.90
C PRO A 105 6.81 4.45 6.58
N PRO A 106 6.78 5.23 5.51
CA PRO A 106 5.61 5.45 4.68
C PRO A 106 5.45 4.42 3.54
N THR A 107 4.21 3.97 3.31
CA THR A 107 3.90 2.93 2.34
C THR A 107 2.53 3.15 1.79
N THR A 108 2.45 3.44 0.50
CA THR A 108 1.17 3.41 -0.21
C THR A 108 0.68 1.95 -0.20
N LEU A 109 -0.57 1.71 0.17
CA LEU A 109 -1.08 0.36 0.38
C LEU A 109 -2.19 -0.05 -0.56
N ALA A 110 -1.99 -1.18 -1.26
CA ALA A 110 -3.10 -1.84 -1.92
C ALA A 110 -3.65 -2.86 -0.92
N GLU A 111 -4.93 -2.75 -0.59
CA GLU A 111 -5.54 -3.59 0.44
C GLU A 111 -6.69 -4.41 -0.12
N PHE A 112 -6.83 -5.63 0.37
CA PHE A 112 -7.88 -6.49 -0.21
C PHE A 112 -8.35 -7.52 0.79
N SER A 113 -9.63 -7.82 0.70
CA SER A 113 -10.20 -8.97 1.36
C SER A 113 -11.00 -9.77 0.33
N LEU A 114 -10.72 -11.08 0.20
CA LEU A 114 -11.26 -11.84 -0.92
C LEU A 114 -12.37 -12.81 -0.47
N ASN A 115 -13.39 -13.00 -1.31
CA ASN A 115 -14.42 -14.03 -1.06
C ASN A 115 -15.09 -13.85 0.30
N GLN A 116 -15.57 -12.65 0.58
CA GLN A 116 -16.23 -12.34 1.86
C GLN A 116 -17.69 -12.29 1.48
N TYR A 117 -18.38 -13.40 1.75
CA TYR A 117 -19.80 -13.54 1.42
C TYR A 117 -20.05 -13.26 -0.04
N GLY A 118 -19.23 -13.89 -0.89
CA GLY A 118 -19.39 -13.77 -2.34
C GLY A 118 -18.80 -12.55 -3.01
N LYS A 119 -18.16 -11.65 -2.26
CA LYS A 119 -17.56 -10.44 -2.83
C LYS A 119 -16.07 -10.29 -2.48
N ASP A 120 -15.35 -9.58 -3.35
CA ASP A 120 -13.99 -9.12 -3.09
C ASP A 120 -14.11 -7.63 -2.77
N TYR A 121 -13.30 -7.16 -1.83
CA TYR A 121 -13.22 -5.74 -1.45
C TYR A 121 -11.79 -5.24 -1.63
N ILE A 122 -11.62 -4.23 -2.46
CA ILE A 122 -10.30 -3.63 -2.66
C ILE A 122 -10.28 -2.13 -2.38
N ASP A 123 -9.13 -1.62 -1.97
CA ASP A 123 -8.94 -0.17 -1.81
C ASP A 123 -7.46 0.16 -1.85
N ILE A 124 -7.19 1.43 -2.07
CA ILE A 124 -5.87 2.00 -1.80
C ILE A 124 -5.95 2.90 -0.56
N SER A 125 -4.91 2.86 0.26
CA SER A 125 -4.88 3.63 1.50
C SER A 125 -3.59 4.43 1.63
N ASN A 126 -3.74 5.67 2.09
CA ASN A 126 -2.62 6.53 2.53
C ASN A 126 -2.57 6.68 4.05
N ILE A 127 -3.26 5.79 4.75
CA ILE A 127 -3.32 5.88 6.21
C ILE A 127 -1.97 5.63 6.80
N LYS A 128 -1.12 4.88 6.10
CA LYS A 128 0.23 4.66 6.55
C LYS A 128 1.21 5.45 5.70
N GLY A 129 0.76 6.55 5.12
CA GLY A 129 1.65 7.39 4.30
C GLY A 129 1.70 6.96 2.85
N PHE A 130 2.66 7.54 2.11
CA PHE A 130 2.78 7.34 0.67
C PHE A 130 4.27 7.33 0.33
N ASN A 131 4.69 6.34 -0.47
CA ASN A 131 6.05 6.28 -0.97
C ASN A 131 6.07 6.21 -2.49
N VAL A 132 5.15 5.47 -3.09
CA VAL A 132 5.20 5.24 -4.53
C VAL A 132 3.77 5.33 -5.08
N PRO A 133 3.58 5.98 -6.25
CA PRO A 133 2.25 6.01 -6.80
C PRO A 133 1.82 4.65 -7.28
N MET A 134 0.52 4.46 -7.39
CA MET A 134 -0.02 3.11 -7.53
C MET A 134 -1.41 3.11 -8.19
N ASP A 135 -1.62 2.18 -9.11
CA ASP A 135 -2.92 1.85 -9.62
C ASP A 135 -3.26 0.39 -9.18
N PHE A 136 -4.48 0.18 -8.71
CA PHE A 136 -4.93 -1.14 -8.25
C PHE A 136 -6.23 -1.45 -9.00
N SER A 137 -6.15 -2.34 -10.01
CA SER A 137 -7.25 -2.61 -10.95
C SER A 137 -7.53 -4.10 -11.13
N PRO A 138 -8.80 -4.45 -11.29
CA PRO A 138 -9.19 -5.82 -11.62
C PRO A 138 -8.79 -6.12 -13.05
N THR A 139 -8.39 -7.34 -13.32
CA THR A 139 -8.11 -7.74 -14.71
C THR A 139 -9.24 -8.59 -15.22
N THR A 140 -10.23 -8.86 -14.37
CA THR A 140 -11.45 -9.55 -14.77
C THR A 140 -12.60 -8.55 -14.74
N ARG A 141 -13.77 -9.02 -15.14
CA ARG A 141 -14.93 -8.14 -15.32
C ARG A 141 -15.63 -7.73 -13.99
N GLY A 142 -16.37 -6.61 -14.02
CA GLY A 142 -17.41 -6.38 -13.02
C GLY A 142 -17.19 -5.31 -11.97
N CYS A 143 -16.09 -4.56 -12.06
CA CYS A 143 -15.84 -3.46 -11.14
C CYS A 143 -14.73 -2.61 -11.73
N ARG A 144 -14.55 -1.42 -11.22
CA ARG A 144 -13.52 -0.47 -11.64
C ARG A 144 -12.32 -0.52 -10.69
N GLY A 145 -11.20 0.06 -11.11
CA GLY A 145 -9.99 0.11 -10.28
C GLY A 145 -9.85 1.46 -9.56
N VAL A 146 -8.81 1.59 -8.75
CA VAL A 146 -8.57 2.82 -8.02
C VAL A 146 -7.12 3.16 -8.21
N ARG A 147 -6.80 4.43 -8.01
CA ARG A 147 -5.49 4.94 -8.33
C ARG A 147 -5.12 6.07 -7.39
N CYS A 148 -3.86 6.11 -6.94
CA CYS A 148 -3.31 7.31 -6.35
C CYS A 148 -1.96 7.56 -7.01
N ALA A 149 -1.93 8.53 -7.93
CA ALA A 149 -0.73 8.77 -8.74
C ALA A 149 -0.23 10.20 -8.71
N ALA A 150 -0.74 11.03 -7.82
CA ALA A 150 -0.28 12.38 -7.69
C ALA A 150 1.10 12.40 -7.07
N ASP A 151 1.76 13.53 -7.18
CA ASP A 151 3.08 13.72 -6.62
C ASP A 151 3.04 14.07 -5.12
N ILE A 152 2.61 13.13 -4.29
CA ILE A 152 2.50 13.36 -2.89
C ILE A 152 3.86 13.61 -2.22
N VAL A 153 4.90 12.93 -2.66
CA VAL A 153 6.21 13.17 -2.07
C VAL A 153 6.70 14.60 -2.35
N GLY A 154 6.57 15.06 -3.59
CA GLY A 154 7.01 16.42 -3.93
C GLY A 154 6.28 17.52 -3.14
N GLN A 155 4.98 17.32 -2.91
CA GLN A 155 4.17 18.33 -2.27
C GLN A 155 4.07 18.14 -0.76
N CYS A 156 4.74 17.10 -0.24
CA CYS A 156 4.56 16.70 1.15
C CYS A 156 4.86 17.83 2.14
N PRO A 157 3.96 18.06 3.11
CA PRO A 157 4.24 19.04 4.19
C PRO A 157 5.52 18.69 4.93
N ALA A 158 6.21 19.73 5.37
CA ALA A 158 7.57 19.58 5.84
C ALA A 158 7.67 18.65 7.07
N LYS A 159 6.73 18.74 7.97
CA LYS A 159 6.72 17.89 9.16
C LYS A 159 6.42 16.42 8.89
N LEU A 160 5.88 16.13 7.72
CA LEU A 160 5.60 14.73 7.34
C LEU A 160 6.66 14.09 6.44
N LYS A 161 7.59 14.88 5.90
CA LYS A 161 8.63 14.34 4.99
C LYS A 161 9.47 13.32 5.70
N ALA A 162 9.61 12.15 5.13
CA ALA A 162 10.51 11.15 5.71
C ALA A 162 11.86 11.29 5.04
N PRO A 163 12.94 11.34 5.83
CA PRO A 163 14.27 11.55 5.23
C PRO A 163 14.61 10.50 4.21
N GLY A 164 14.20 9.26 4.45
CA GLY A 164 14.44 8.18 3.50
C GLY A 164 13.68 8.26 2.18
N GLY A 165 12.78 9.21 2.06
CA GLY A 165 11.90 9.33 0.88
C GLY A 165 10.47 9.10 1.36
N GLY A 166 9.51 9.64 0.65
CA GLY A 166 8.13 9.36 1.02
C GLY A 166 7.57 10.39 1.96
N CYS A 167 6.27 10.27 2.23
CA CYS A 167 5.52 11.21 3.01
C CYS A 167 4.73 10.43 4.08
N ASN A 168 5.11 10.59 5.34
CA ASN A 168 4.46 9.90 6.44
C ASN A 168 3.06 10.44 6.71
N ASP A 169 2.20 9.59 7.22
CA ASP A 169 0.92 10.03 7.77
C ASP A 169 1.16 10.67 9.12
N ALA A 170 0.18 11.44 9.58
CA ALA A 170 0.27 12.19 10.84
C ALA A 170 0.28 11.32 12.11
N CYS A 171 -0.36 10.15 12.06
CA CYS A 171 -0.38 9.20 13.18
C CYS A 171 1.05 8.69 13.44
N THR A 172 1.69 8.18 12.40
CA THR A 172 3.07 7.76 12.50
C THR A 172 3.96 8.85 13.06
N VAL A 173 3.84 10.08 12.56
CA VAL A 173 4.74 11.11 13.04
C VAL A 173 4.41 11.60 14.45
N PHE A 174 3.15 11.87 14.78
CA PHE A 174 2.84 12.62 16.02
C PHE A 174 2.28 11.79 17.17
N GLN A 175 1.70 10.64 16.83
CA GLN A 175 1.26 9.67 17.83
CA GLN A 175 1.24 9.69 17.83
C GLN A 175 0.23 10.27 18.82
N THR A 176 -0.78 10.92 18.28
CA THR A 176 -1.90 11.41 19.07
C THR A 176 -3.16 10.58 18.83
N SER A 177 -4.09 10.67 19.77
CA SER A 177 -5.38 9.98 19.67
C SER A 177 -6.17 10.48 18.48
N GLU A 178 -6.07 11.76 18.18
CA GLU A 178 -6.79 12.34 17.05
C GLU A 178 -6.27 11.85 15.70
N TYR A 179 -4.96 11.83 15.51
CA TYR A 179 -4.38 11.35 14.24
C TYR A 179 -4.50 9.84 14.11
N CYS A 180 -4.32 9.10 15.22
CA CYS A 180 -4.37 7.65 15.15
C CYS A 180 -5.80 7.10 15.31
N CYS A 181 -6.74 7.97 15.66
CA CYS A 181 -8.13 7.60 15.83
C CYS A 181 -8.27 6.51 16.90
N THR A 182 -7.51 6.68 17.96
CA THR A 182 -7.39 5.71 19.01
C THR A 182 -8.69 5.48 19.77
N THR A 183 -9.52 6.49 19.98
CA THR A 183 -10.73 6.27 20.75
C THR A 183 -11.86 5.78 19.85
N GLY A 184 -11.61 5.59 18.56
CA GLY A 184 -12.67 5.24 17.63
C GLY A 184 -13.43 6.47 17.17
N LYS A 185 -13.15 7.63 17.76
CA LYS A 185 -13.74 8.88 17.30
C LYS A 185 -12.63 9.83 16.90
N CYS A 186 -12.76 10.42 15.72
CA CYS A 186 -11.73 11.33 15.22
C CYS A 186 -12.29 12.00 13.98
N GLY A 187 -11.74 13.14 13.62
CA GLY A 187 -12.21 13.79 12.43
C GLY A 187 -11.05 13.92 11.47
N PRO A 188 -11.33 14.49 10.30
CA PRO A 188 -10.26 14.83 9.41
C PRO A 188 -9.39 15.95 10.01
N THR A 189 -8.18 16.07 9.48
CA THR A 189 -7.19 17.00 9.97
C THR A 189 -6.53 17.70 8.77
N GLU A 190 -5.78 18.76 9.05
CA GLU A 190 -5.06 19.46 8.00
CA GLU A 190 -5.01 19.45 8.02
C GLU A 190 -4.18 18.46 7.23
N TYR A 191 -3.61 17.48 7.94
CA TYR A 191 -2.72 16.53 7.30
C TYR A 191 -3.49 15.48 6.48
N SER A 192 -4.57 14.93 7.01
CA SER A 192 -5.39 13.99 6.28
C SER A 192 -5.96 14.68 5.04
N ARG A 193 -6.29 15.97 5.14
CA ARG A 193 -6.90 16.65 3.98
C ARG A 193 -5.88 16.84 2.86
N PHE A 194 -4.62 16.89 3.20
CA PHE A 194 -3.59 17.01 2.18
C PHE A 194 -3.59 15.73 1.29
N PHE A 195 -3.63 14.56 1.95
CA PHE A 195 -3.61 13.31 1.21
C PHE A 195 -4.89 13.20 0.42
N LYS A 196 -5.99 13.62 1.01
CA LYS A 196 -7.31 13.49 0.39
C LYS A 196 -7.44 14.41 -0.84
N ARG A 197 -6.86 15.58 -0.76
CA ARG A 197 -6.89 16.53 -1.86
C ARG A 197 -6.12 15.97 -3.08
N LEU A 198 -4.94 15.40 -2.88
CA LEU A 198 -4.21 14.86 -4.01
C LEU A 198 -4.72 13.49 -4.47
N CYS A 199 -5.29 12.70 -3.57
CA CYS A 199 -5.82 11.38 -3.94
C CYS A 199 -7.14 11.10 -3.28
N PRO A 200 -8.22 11.61 -3.89
CA PRO A 200 -9.57 11.48 -3.32
C PRO A 200 -9.99 10.03 -3.22
N ASP A 201 -9.46 9.16 -4.09
CA ASP A 201 -9.86 7.76 -4.12
C ASP A 201 -9.12 6.83 -3.17
N ALA A 202 -8.26 7.40 -2.31
CA ALA A 202 -7.57 6.63 -1.28
C ALA A 202 -8.03 7.05 0.11
N PHE A 203 -8.11 6.09 1.03
CA PHE A 203 -8.34 6.43 2.45
C PHE A 203 -7.27 7.40 2.95
N SER A 204 -7.70 8.47 3.60
CA SER A 204 -6.76 9.48 4.09
C SER A 204 -6.61 9.45 5.63
N TYR A 205 -7.58 8.84 6.31
CA TYR A 205 -7.53 8.65 7.76
C TYR A 205 -8.49 7.52 8.11
N VAL A 206 -8.43 7.05 9.34
CA VAL A 206 -9.14 5.80 9.71
C VAL A 206 -10.66 5.90 9.44
N LEU A 207 -11.29 7.02 9.73
CA LEU A 207 -12.75 7.12 9.58
C LEU A 207 -13.15 7.84 8.34
N ASP A 208 -12.25 7.90 7.36
CA ASP A 208 -12.57 8.53 6.11
C ASP A 208 -13.79 7.79 5.51
N LYS A 209 -14.60 8.51 4.75
CA LYS A 209 -15.71 7.90 4.02
C LYS A 209 -15.13 6.84 3.07
N PRO A 210 -15.58 5.59 3.17
CA PRO A 210 -14.92 4.49 2.45
C PRO A 210 -14.80 4.72 0.95
N THR A 211 -13.62 4.46 0.42
CA THR A 211 -13.41 4.44 -1.03
C THR A 211 -13.22 2.99 -1.51
N THR A 212 -13.67 2.04 -0.68
CA THR A 212 -13.63 0.63 -1.01
C THR A 212 -14.40 0.32 -2.27
N VAL A 213 -13.85 -0.54 -3.10
CA VAL A 213 -14.54 -1.02 -4.29
C VAL A 213 -14.97 -2.48 -4.13
N THR A 214 -16.22 -2.76 -4.50
CA THR A 214 -16.77 -4.13 -4.40
C THR A 214 -16.67 -4.80 -5.75
N CYS A 215 -15.98 -5.93 -5.79
CA CYS A 215 -15.80 -6.70 -7.01
C CYS A 215 -16.40 -8.08 -6.81
N PRO A 216 -16.67 -8.76 -7.91
CA PRO A 216 -17.12 -10.15 -7.80
C PRO A 216 -16.12 -11.02 -7.10
N GLY A 217 -16.63 -11.98 -6.33
CA GLY A 217 -15.78 -12.95 -5.63
C GLY A 217 -14.85 -13.64 -6.60
N SER A 218 -13.61 -13.90 -6.18
CA SER A 218 -12.62 -14.55 -7.06
C SER A 218 -12.26 -13.76 -8.32
N SER A 219 -12.28 -12.44 -8.25
CA SER A 219 -11.70 -11.64 -9.32
C SER A 219 -10.18 -11.78 -9.31
N ASN A 220 -9.54 -11.34 -10.40
CA ASN A 220 -8.07 -11.24 -10.50
C ASN A 220 -7.69 -9.76 -10.66
N TYR A 221 -6.44 -9.43 -10.35
CA TYR A 221 -6.02 -8.05 -10.21
C TYR A 221 -4.62 -7.77 -10.73
N ARG A 222 -4.38 -6.49 -11.04
CA ARG A 222 -3.07 -5.99 -11.34
C ARG A 222 -2.78 -4.78 -10.46
N VAL A 223 -1.61 -4.80 -9.83
CA VAL A 223 -1.09 -3.66 -9.11
C VAL A 223 0.06 -3.10 -9.94
N THR A 224 -0.06 -1.84 -10.34
CA THR A 224 0.98 -1.16 -11.10
C THR A 224 1.62 -0.05 -10.26
N PHE A 225 2.92 -0.13 -10.03
CA PHE A 225 3.65 0.99 -9.45
C PHE A 225 4.02 1.98 -10.54
N CYS A 226 3.88 3.28 -10.23
CA CYS A 226 4.12 4.39 -11.18
C CYS A 226 3.30 4.25 -12.46
N PRO A 227 1.98 4.21 -12.31
CA PRO A 227 1.11 3.88 -13.42
C PRO A 227 1.15 4.88 -14.58
N THR A 228 1.52 6.13 -14.36
CA THR A 228 1.40 7.12 -15.46
C THR A 228 2.69 7.37 -16.25
O1 TLA B . 10.99 -9.15 -16.75
O11 TLA B . 8.79 -9.26 -16.44
C1 TLA B . 9.93 -9.76 -16.43
C2 TLA B . 10.01 -11.16 -15.94
O2 TLA B . 8.69 -11.69 -15.86
C3 TLA B . 10.63 -11.16 -14.55
O3 TLA B . 9.83 -10.39 -13.64
C4 TLA B . 10.72 -12.59 -14.09
O4 TLA B . 11.58 -13.32 -14.59
O41 TLA B . 9.94 -13.02 -13.22
O3A XXX C . 4.14 2.12 13.23
C4A XXX C . 4.70 1.20 12.28
C5A XXX C . 3.74 0.06 12.01
O4A XXX C . 2.48 0.63 11.61
C6A XXX C . 4.40 -0.83 10.94
N1 XXX C . 3.52 -1.89 10.49
C7 XXX C . 5.72 -1.43 11.43
C8 XXX C . 6.74 -0.35 11.86
N2 XXX C . 7.85 -0.95 12.56
C9 XXX C . 6.12 0.77 12.75
O1 XXX C . 6.91 2.03 12.72
C1 XXX C . 7.99 2.48 13.61
O5 XXX C . 7.59 2.31 14.99
C5 XXX C . 8.64 2.38 15.96
C6 XXX C . 9.44 3.68 15.97
N3 XXX C . 8.65 4.78 15.45
C4 XXX C . 9.50 1.15 15.68
O4 XXX C . 8.63 0.00 15.65
C3 XXX C . 10.22 1.22 14.31
O3 XXX C . 11.51 1.85 14.45
C2 XXX C . 9.43 1.98 13.24
N4 XXX C . 9.43 1.08 12.10
#